data_4OI8
#
_entry.id   4OI8
#
_cell.length_a   78.560
_cell.length_b   78.560
_cell.length_c   224.801
_cell.angle_alpha   90.00
_cell.angle_beta   90.00
_cell.angle_gamma   120.00
#
_symmetry.space_group_name_H-M   'P 61'
#
loop_
_entity.id
_entity.type
_entity.pdbx_description
1 polymer 'Advanced glycosylation end product-specific receptor'
2 polymer "5'-D(*CP*CP*AP*TP*GP*AP*CP*TP*GP*TP*AP*GP*GP*AP*AP*AP*CP*TP*CP*TP*AP*GP*A)-3'"
3 polymer "5'-D(*CP*TP*CP*TP*AP*GP*AP*GP*TP*TP*TP*CP*CP*TP*AP*CP*AP*GP*TP*CP*AP*TP*G)-3'"
4 water water
#
loop_
_entity_poly.entity_id
_entity_poly.type
_entity_poly.pdbx_seq_one_letter_code
_entity_poly.pdbx_strand_id
1 'polypeptide(L)'
;GSVDAQNITARIGEPLVLKCKGAPKKPPQRLEWKLNTGRTEAWKVLSPQGGGPWDSVARVLPNGSLFLPAVGIQDEGIFR
CQAMNRNGKETKSNYRVRVYQIPGKPEIVDSASELTAGVPNKVGTCVSEGSYPAGTLSWHLDGKPLVPNEKGVSVKEQTR
RHPETGLFTLQSELMVTPARGGDPRPTFSCSFSPGLPRHRALRTAPIQPRVWEPVPLEEAAAS
;
A,B
2 'polydeoxyribonucleotide'
;(DC)(DC)(DA)(DT)(DG)(DA)(DC)(DT)(DG)(DT)(DA)(DG)(DG)(DA)(DA)(DA)(DC)(DT)(DC)(DT)
(DA)(DG)(DA)
;
E
3 'polydeoxyribonucleotide'
;(DC)(DT)(DC)(DT)(DA)(DG)(DA)(DG)(DT)(DT)(DT)(DC)(DC)(DT)(DA)(DC)(DA)(DG)(DT)(DC)
(DA)(DT)(DG)
;
F
#
loop_
_chem_comp.id
_chem_comp.type
_chem_comp.name
_chem_comp.formula
DA DNA linking 2'-DEOXYADENOSINE-5'-MONOPHOSPHATE 'C10 H14 N5 O6 P'
DC DNA linking 2'-DEOXYCYTIDINE-5'-MONOPHOSPHATE 'C9 H14 N3 O7 P'
DG DNA linking 2'-DEOXYGUANOSINE-5'-MONOPHOSPHATE 'C10 H14 N5 O7 P'
DT DNA linking THYMIDINE-5'-MONOPHOSPHATE 'C10 H15 N2 O8 P'
#
# COMPACT_ATOMS: atom_id res chain seq x y z
N ALA A 5 -3.90 -1.79 -20.40
CA ALA A 5 -3.86 -2.48 -19.10
C ALA A 5 -2.57 -2.14 -18.35
N GLN A 6 -2.69 -1.87 -17.04
CA GLN A 6 -1.52 -1.52 -16.23
C GLN A 6 -0.83 -2.76 -15.68
N ASN A 7 0.43 -2.95 -16.08
CA ASN A 7 1.21 -4.11 -15.66
C ASN A 7 1.48 -4.06 -14.15
N ILE A 8 1.38 -5.23 -13.49
CA ILE A 8 1.52 -5.31 -12.03
C ILE A 8 2.33 -6.53 -11.60
N THR A 9 3.01 -6.43 -10.44
CA THR A 9 3.86 -7.51 -9.94
C THR A 9 3.90 -7.52 -8.40
N ALA A 10 3.94 -8.73 -7.79
CA ALA A 10 4.15 -8.89 -6.33
C ALA A 10 4.67 -10.29 -5.95
N ARG A 11 5.21 -10.39 -4.72
CA ARG A 11 5.72 -11.68 -4.22
C ARG A 11 4.60 -12.62 -3.77
N ILE A 12 4.75 -13.90 -4.07
CA ILE A 12 3.80 -14.92 -3.62
C ILE A 12 3.74 -14.89 -2.08
N GLY A 13 2.55 -15.12 -1.53
CA GLY A 13 2.35 -15.06 -0.07
C GLY A 13 1.94 -13.67 0.36
N GLU A 14 2.23 -12.69 -0.50
CA GLU A 14 1.91 -11.30 -0.22
C GLU A 14 0.43 -10.98 -0.48
N PRO A 15 -0.07 -9.93 0.18
CA PRO A 15 -1.43 -9.43 -0.01
C PRO A 15 -1.49 -8.64 -1.30
N LEU A 16 -2.69 -8.49 -1.87
CA LEU A 16 -2.84 -7.61 -3.01
C LEU A 16 -4.14 -6.80 -2.97
N VAL A 17 -4.02 -5.52 -3.31
CA VAL A 17 -5.17 -4.64 -3.28
C VAL A 17 -5.27 -3.81 -4.56
N LEU A 18 -6.38 -4.00 -5.28
CA LEU A 18 -6.59 -3.32 -6.55
C LEU A 18 -7.58 -2.18 -6.35
N LYS A 19 -7.19 -0.97 -6.74
CA LYS A 19 -8.06 0.19 -6.54
C LYS A 19 -9.06 0.39 -7.67
N CYS A 20 -10.35 0.32 -7.35
CA CYS A 20 -11.39 0.58 -8.34
C CYS A 20 -11.35 2.08 -8.57
N LYS A 21 -11.28 2.49 -9.85
CA LYS A 21 -11.12 3.90 -10.19
C LYS A 21 -12.44 4.58 -10.53
N GLY A 22 -12.64 5.76 -9.94
CA GLY A 22 -13.82 6.57 -10.21
C GLY A 22 -15.07 6.09 -9.46
N ALA A 23 -14.88 5.35 -8.37
CA ALA A 23 -16.01 4.76 -7.63
C ALA A 23 -16.08 5.24 -6.17
N PRO A 24 -17.32 5.44 -5.66
CA PRO A 24 -17.58 5.93 -4.29
C PRO A 24 -16.77 5.13 -3.28
N LYS A 25 -16.14 5.82 -2.34
CA LYS A 25 -15.26 5.18 -1.36
C LYS A 25 -16.06 4.44 -0.28
N LYS A 26 -17.26 4.94 0.02
CA LYS A 26 -18.10 4.31 1.04
C LYS A 26 -19.30 3.61 0.37
N PRO A 27 -19.78 2.50 0.96
CA PRO A 27 -20.93 1.83 0.34
C PRO A 27 -22.22 2.64 0.55
N PRO A 28 -23.33 2.19 -0.07
CA PRO A 28 -23.26 1.18 -1.15
C PRO A 28 -22.82 1.83 -2.48
N GLN A 29 -22.16 1.06 -3.35
CA GLN A 29 -21.78 1.56 -4.68
C GLN A 29 -22.27 0.59 -5.75
N ARG A 30 -22.35 1.09 -6.98
CA ARG A 30 -22.67 0.24 -8.13
C ARG A 30 -21.39 -0.01 -8.92
N LEU A 31 -20.89 -1.24 -8.84
CA LEU A 31 -19.65 -1.56 -9.53
C LEU A 31 -19.51 -3.07 -9.78
N GLU A 32 -18.61 -3.42 -10.72
CA GLU A 32 -18.46 -4.82 -11.13
C GLU A 32 -16.98 -5.17 -11.30
N TRP A 33 -16.53 -6.19 -10.55
CA TRP A 33 -15.21 -6.75 -10.76
C TRP A 33 -15.32 -8.08 -11.51
N LYS A 34 -14.89 -8.08 -12.78
CA LYS A 34 -14.88 -9.31 -13.56
C LYS A 34 -13.45 -9.58 -13.99
N LEU A 35 -13.00 -10.81 -13.76
CA LEU A 35 -11.59 -11.13 -13.99
C LEU A 35 -11.45 -12.57 -14.48
N ASN A 36 -10.31 -12.84 -15.13
CA ASN A 36 -9.95 -14.19 -15.51
C ASN A 36 -8.54 -14.54 -15.02
N THR A 37 -8.45 -15.48 -14.09
CA THR A 37 -7.14 -15.91 -13.59
C THR A 37 -7.05 -17.43 -13.63
N GLY A 38 -5.94 -17.95 -13.12
CA GLY A 38 -5.75 -19.39 -13.03
C GLY A 38 -6.75 -20.03 -12.06
N ARG A 39 -7.46 -19.19 -11.30
CA ARG A 39 -8.49 -19.71 -10.39
C ARG A 39 -9.88 -19.70 -11.05
N THR A 40 -9.96 -19.17 -12.29
CA THR A 40 -11.24 -19.01 -12.98
C THR A 40 -11.48 -20.03 -14.10
N GLU A 41 -12.71 -20.56 -14.13
CA GLU A 41 -13.16 -21.45 -15.21
C GLU A 41 -13.55 -20.63 -16.45
N ALA A 42 -13.87 -19.35 -16.20
CA ALA A 42 -14.14 -18.40 -17.26
C ALA A 42 -13.97 -17.01 -16.66
N TRP A 43 -14.42 -15.99 -17.35
CA TRP A 43 -14.56 -14.68 -16.72
C TRP A 43 -15.42 -14.85 -15.46
N LYS A 44 -14.92 -14.34 -14.31
CA LYS A 44 -15.65 -14.44 -13.04
C LYS A 44 -16.04 -13.04 -12.56
N VAL A 45 -17.30 -12.89 -12.12
CA VAL A 45 -17.78 -11.60 -11.64
C VAL A 45 -18.07 -11.61 -10.13
N LEU A 46 -17.29 -10.81 -9.37
CA LEU A 46 -17.44 -10.72 -7.91
C LEU A 46 -18.15 -9.41 -7.53
N SER A 47 -19.16 -9.51 -6.66
CA SER A 47 -20.05 -8.38 -6.37
C SER A 47 -19.69 -7.63 -5.09
N PRO A 48 -20.40 -6.53 -4.79
CA PRO A 48 -20.11 -5.77 -3.56
C PRO A 48 -20.09 -6.70 -2.34
N GLN A 49 -21.11 -7.55 -2.22
CA GLN A 49 -21.17 -8.50 -1.12
C GLN A 49 -20.35 -9.76 -1.43
N GLY A 50 -20.06 -9.98 -2.71
CA GLY A 50 -19.28 -11.12 -3.13
C GLY A 50 -19.93 -12.38 -2.55
N GLY A 51 -19.24 -13.51 -2.70
CA GLY A 51 -19.72 -14.78 -2.13
C GLY A 51 -19.03 -15.97 -2.77
N GLY A 52 -19.22 -17.15 -2.14
CA GLY A 52 -18.57 -18.36 -2.61
C GLY A 52 -17.19 -18.57 -1.95
N PRO A 53 -16.43 -19.55 -2.47
CA PRO A 53 -15.05 -19.82 -2.02
C PRO A 53 -14.11 -18.63 -2.28
N TRP A 54 -14.58 -17.71 -3.12
CA TRP A 54 -13.78 -16.55 -3.53
C TRP A 54 -13.43 -15.59 -2.39
N ASP A 55 -14.20 -15.64 -1.30
CA ASP A 55 -13.95 -14.76 -0.15
C ASP A 55 -12.62 -15.13 0.53
N SER A 56 -12.16 -16.37 0.29
CA SER A 56 -10.90 -16.85 0.86
C SER A 56 -9.73 -16.55 -0.10
N VAL A 57 -10.07 -16.09 -1.31
CA VAL A 57 -9.08 -15.81 -2.36
C VAL A 57 -8.94 -14.30 -2.63
N ALA A 58 -10.00 -13.72 -3.19
CA ALA A 58 -10.05 -12.28 -3.47
C ALA A 58 -11.43 -11.70 -3.12
N ARG A 59 -11.42 -10.63 -2.31
CA ARG A 59 -12.66 -10.10 -1.75
C ARG A 59 -12.77 -8.61 -2.05
N VAL A 60 -14.01 -8.14 -2.14
CA VAL A 60 -14.27 -6.71 -2.41
C VAL A 60 -14.44 -5.96 -1.10
N LEU A 61 -13.69 -4.85 -0.96
CA LEU A 61 -13.68 -4.05 0.27
C LEU A 61 -14.76 -2.96 0.27
N PRO A 62 -15.14 -2.49 1.47
CA PRO A 62 -16.24 -1.51 1.62
C PRO A 62 -15.96 -0.27 0.77
N ASN A 63 -14.69 -0.03 0.47
CA ASN A 63 -14.26 1.12 -0.31
C ASN A 63 -14.13 0.80 -1.81
N GLY A 64 -14.54 -0.41 -2.20
CA GLY A 64 -14.61 -0.77 -3.62
C GLY A 64 -13.36 -1.43 -4.17
N SER A 65 -12.31 -1.53 -3.35
CA SER A 65 -11.08 -2.15 -3.82
C SER A 65 -11.08 -3.68 -3.64
N LEU A 66 -10.61 -4.37 -4.67
CA LEU A 66 -10.49 -5.82 -4.63
C LEU A 66 -9.22 -6.15 -3.85
N PHE A 67 -9.23 -7.28 -3.13
CA PHE A 67 -8.10 -7.61 -2.27
C PHE A 67 -7.77 -9.11 -2.20
N LEU A 68 -6.48 -9.44 -2.32
CA LEU A 68 -6.00 -10.81 -2.14
C LEU A 68 -4.98 -10.92 -0.98
N PRO A 69 -5.33 -11.70 0.06
CA PRO A 69 -4.47 -11.83 1.24
C PRO A 69 -3.14 -12.54 0.92
N ALA A 70 -3.23 -13.59 0.08
CA ALA A 70 -2.03 -14.25 -0.44
C ALA A 70 -2.19 -14.56 -1.92
N VAL A 71 -1.33 -13.95 -2.73
CA VAL A 71 -1.34 -14.17 -4.17
C VAL A 71 -0.45 -15.35 -4.54
N GLY A 72 -0.85 -16.12 -5.56
CA GLY A 72 -0.11 -17.31 -5.96
C GLY A 72 -0.18 -17.51 -7.47
N ILE A 73 0.63 -18.42 -8.00
CA ILE A 73 0.73 -18.59 -9.46
C ILE A 73 -0.67 -18.70 -10.04
N GLN A 74 -1.56 -19.30 -9.25
CA GLN A 74 -2.94 -19.55 -9.67
C GLN A 74 -3.68 -18.25 -9.97
N ASP A 75 -3.15 -17.13 -9.47
CA ASP A 75 -3.82 -15.84 -9.61
C ASP A 75 -3.36 -14.93 -10.78
N GLU A 76 -2.31 -15.31 -11.51
CA GLU A 76 -1.91 -14.52 -12.68
C GLU A 76 -3.08 -14.47 -13.65
N GLY A 77 -3.50 -13.26 -14.03
CA GLY A 77 -4.66 -13.12 -14.89
C GLY A 77 -5.04 -11.69 -15.22
N ILE A 78 -6.29 -11.51 -15.68
CA ILE A 78 -6.78 -10.20 -16.05
C ILE A 78 -7.82 -9.72 -15.05
N PHE A 79 -7.70 -8.44 -14.65
CA PHE A 79 -8.61 -7.84 -13.69
C PHE A 79 -9.18 -6.56 -14.25
N ARG A 80 -10.50 -6.55 -14.44
CA ARG A 80 -11.16 -5.35 -14.93
C ARG A 80 -12.27 -4.93 -13.95
N CYS A 81 -12.30 -3.63 -13.65
CA CYS A 81 -13.38 -3.07 -12.83
C CYS A 81 -14.12 -2.01 -13.64
N GLN A 82 -15.37 -2.31 -13.97
CA GLN A 82 -16.24 -1.32 -14.59
C GLN A 82 -17.11 -0.76 -13.46
N ALA A 83 -16.94 0.53 -13.14
CA ALA A 83 -17.62 1.12 -11.98
C ALA A 83 -18.48 2.32 -12.34
N MET A 84 -19.49 2.57 -11.49
CA MET A 84 -20.42 3.68 -11.68
C MET A 84 -20.23 4.72 -10.55
N ASN A 85 -19.69 5.89 -10.91
CA ASN A 85 -19.45 6.95 -9.92
C ASN A 85 -20.73 7.22 -9.12
N ARG A 86 -21.73 7.82 -9.75
CA ARG A 86 -23.09 7.90 -9.22
C ARG A 86 -24.16 7.45 -10.19
N ASN A 87 -24.34 8.22 -11.25
CA ASN A 87 -25.15 7.82 -12.41
C ASN A 87 -24.96 8.92 -13.47
N GLY A 88 -24.76 8.53 -14.73
CA GLY A 88 -24.40 7.16 -15.09
C GLY A 88 -22.88 7.13 -15.19
N LYS A 89 -22.24 8.08 -14.51
CA LYS A 89 -20.79 8.25 -14.58
C LYS A 89 -20.10 6.90 -14.59
N GLU A 90 -19.13 6.73 -15.46
CA GLU A 90 -18.46 5.44 -15.56
C GLU A 90 -16.98 5.55 -15.93
N THR A 91 -16.14 4.85 -15.16
CA THR A 91 -14.72 4.72 -15.48
C THR A 91 -14.29 3.26 -15.27
N LYS A 92 -13.41 2.75 -16.13
CA LYS A 92 -13.05 1.33 -16.10
C LYS A 92 -11.55 1.12 -15.88
N SER A 93 -11.22 0.45 -14.77
CA SER A 93 -9.83 0.19 -14.38
C SER A 93 -9.34 -1.11 -15.01
N ASN A 94 -8.07 -1.12 -15.43
CA ASN A 94 -7.54 -2.28 -16.16
C ASN A 94 -6.13 -2.67 -15.73
N TYR A 95 -5.98 -3.93 -15.32
CA TYR A 95 -4.70 -4.41 -14.81
C TYR A 95 -4.26 -5.71 -15.50
N ARG A 96 -2.95 -5.87 -15.65
CA ARG A 96 -2.36 -7.09 -16.17
C ARG A 96 -1.41 -7.61 -15.10
N VAL A 97 -1.56 -8.87 -14.71
CA VAL A 97 -0.85 -9.36 -13.53
C VAL A 97 0.16 -10.48 -13.77
N ARG A 98 1.43 -10.15 -13.55
CA ARG A 98 2.51 -11.13 -13.53
C ARG A 98 2.95 -11.31 -12.08
N VAL A 99 3.34 -12.52 -11.67
CA VAL A 99 3.84 -12.74 -10.31
C VAL A 99 5.24 -13.32 -10.34
N TYR A 100 5.85 -13.47 -9.15
CA TYR A 100 7.17 -14.10 -9.07
C TYR A 100 7.54 -14.63 -7.67
N GLN A 101 8.49 -15.56 -7.68
CA GLN A 101 9.05 -16.12 -6.47
C GLN A 101 10.56 -16.14 -6.63
N ILE A 102 11.29 -15.73 -5.60
CA ILE A 102 12.75 -15.78 -5.64
C ILE A 102 13.23 -17.14 -5.14
N PRO A 103 13.91 -17.89 -6.04
CA PRO A 103 14.36 -19.25 -5.76
C PRO A 103 15.49 -19.25 -4.73
N GLY A 104 15.78 -20.42 -4.18
CA GLY A 104 16.95 -20.58 -3.32
C GLY A 104 18.22 -20.34 -4.12
N LYS A 105 19.26 -19.85 -3.42
CA LYS A 105 20.53 -19.51 -4.06
C LYS A 105 21.06 -20.68 -4.89
N PRO A 106 21.75 -20.36 -6.01
CA PRO A 106 22.22 -21.38 -6.98
C PRO A 106 23.37 -22.22 -6.40
N GLU A 107 23.47 -23.48 -6.83
CA GLU A 107 24.51 -24.38 -6.34
C GLU A 107 25.17 -25.13 -7.49
N ILE A 108 26.50 -25.23 -7.45
CA ILE A 108 27.21 -26.11 -8.38
C ILE A 108 27.38 -27.46 -7.69
N VAL A 109 27.01 -28.54 -8.40
CA VAL A 109 27.22 -29.90 -7.90
C VAL A 109 28.04 -30.71 -8.91
N ASP A 110 28.80 -31.69 -8.42
CA ASP A 110 29.65 -32.49 -9.31
C ASP A 110 30.73 -31.62 -9.94
N SER A 111 31.15 -30.57 -9.22
CA SER A 111 32.20 -29.66 -9.70
C SER A 111 33.57 -30.34 -9.65
N ALA A 112 34.48 -29.94 -10.56
CA ALA A 112 35.80 -30.56 -10.67
C ALA A 112 36.87 -29.90 -9.77
N SER A 113 37.61 -30.75 -9.06
CA SER A 113 38.79 -30.30 -8.29
C SER A 113 40.00 -30.18 -9.22
N GLU A 114 40.15 -31.18 -10.08
CA GLU A 114 41.21 -31.19 -11.10
C GLU A 114 40.55 -31.28 -12.47
N LEU A 115 41.31 -30.89 -13.50
CA LEU A 115 40.85 -31.13 -14.86
C LEU A 115 42.03 -31.07 -15.81
N THR A 116 41.85 -31.63 -17.01
CA THR A 116 42.95 -31.85 -17.95
C THR A 116 42.75 -31.04 -19.23
N ALA A 117 43.84 -30.43 -19.72
CA ALA A 117 43.79 -29.57 -20.91
C ALA A 117 43.65 -30.35 -22.22
N GLY A 118 43.16 -29.68 -23.27
CA GLY A 118 43.08 -30.26 -24.60
C GLY A 118 41.84 -31.11 -24.89
N VAL A 119 41.07 -31.42 -23.83
CA VAL A 119 39.86 -32.23 -23.98
C VAL A 119 38.76 -31.74 -23.02
N PRO A 120 37.56 -32.35 -23.11
CA PRO A 120 36.44 -31.95 -22.23
C PRO A 120 36.57 -32.45 -20.78
N ASN A 121 35.99 -31.69 -19.84
CA ASN A 121 35.92 -32.05 -18.43
C ASN A 121 34.54 -31.72 -17.89
N LYS A 122 34.12 -32.38 -16.81
CA LYS A 122 32.86 -32.02 -16.16
C LYS A 122 33.22 -30.95 -15.12
N VAL A 123 32.81 -29.72 -15.39
CA VAL A 123 33.14 -28.59 -14.50
C VAL A 123 32.23 -28.61 -13.27
N GLY A 124 30.94 -28.89 -13.53
CA GLY A 124 29.94 -28.98 -12.46
C GLY A 124 28.54 -28.73 -12.99
N THR A 125 27.54 -28.93 -12.13
CA THR A 125 26.15 -28.68 -12.51
C THR A 125 25.52 -27.65 -11.57
N CYS A 126 25.23 -26.46 -12.12
CA CYS A 126 24.62 -25.38 -11.34
C CYS A 126 23.13 -25.64 -11.22
N VAL A 127 22.62 -25.61 -9.97
CA VAL A 127 21.25 -26.06 -9.70
C VAL A 127 20.46 -25.06 -8.83
N SER A 128 19.33 -24.60 -9.39
CA SER A 128 18.47 -23.64 -8.71
C SER A 128 17.14 -24.29 -8.28
N GLU A 129 16.55 -23.78 -7.20
CA GLU A 129 15.31 -24.37 -6.66
C GLU A 129 14.30 -23.31 -6.19
N GLY A 130 13.02 -23.53 -6.52
CA GLY A 130 11.93 -22.72 -6.02
C GLY A 130 11.71 -21.37 -6.69
N SER A 131 11.76 -21.36 -8.03
CA SER A 131 11.63 -20.10 -8.78
C SER A 131 10.35 -20.00 -9.61
N TYR A 132 9.73 -18.83 -9.58
CA TYR A 132 8.72 -18.50 -10.58
C TYR A 132 8.80 -17.01 -10.92
N PRO A 133 8.65 -16.68 -12.22
CA PRO A 133 8.69 -17.70 -13.28
C PRO A 133 10.08 -18.33 -13.29
N ALA A 134 10.29 -19.33 -14.14
CA ALA A 134 11.53 -20.13 -14.09
C ALA A 134 12.83 -19.33 -14.20
N GLY A 135 12.99 -18.55 -15.28
CA GLY A 135 14.19 -17.73 -15.48
C GLY A 135 15.33 -18.47 -16.20
N THR A 136 16.53 -17.90 -16.16
CA THR A 136 17.67 -18.46 -16.90
C THR A 136 18.89 -18.69 -16.01
N LEU A 137 19.74 -19.62 -16.43
CA LEU A 137 21.02 -19.89 -15.78
C LEU A 137 22.19 -19.63 -16.74
N SER A 138 23.26 -19.00 -16.24
CA SER A 138 24.42 -18.74 -17.08
C SER A 138 25.70 -19.06 -16.30
N TRP A 139 26.79 -19.21 -17.03
CA TRP A 139 28.10 -19.43 -16.41
C TRP A 139 29.04 -18.31 -16.84
N HIS A 140 30.13 -18.16 -16.08
CA HIS A 140 31.12 -17.14 -16.36
C HIS A 140 32.50 -17.64 -15.92
N LEU A 141 33.54 -17.19 -16.60
CA LEU A 141 34.92 -17.54 -16.26
C LEU A 141 35.73 -16.30 -15.88
N ASP A 142 36.18 -16.25 -14.63
CA ASP A 142 37.02 -15.15 -14.15
C ASP A 142 36.45 -13.79 -14.54
N GLY A 143 35.16 -13.61 -14.24
CA GLY A 143 34.50 -12.33 -14.44
C GLY A 143 33.65 -12.22 -15.70
N LYS A 144 33.94 -13.05 -16.71
CA LYS A 144 33.23 -12.94 -18.00
C LYS A 144 32.42 -14.20 -18.29
N PRO A 145 31.22 -14.03 -18.85
CA PRO A 145 30.26 -15.12 -19.16
C PRO A 145 30.66 -15.95 -20.39
N LEU A 146 30.14 -17.17 -20.48
CA LEU A 146 30.53 -18.11 -21.55
C LEU A 146 29.38 -18.49 -22.50
N VAL A 147 29.73 -18.90 -23.73
CA VAL A 147 28.73 -19.29 -24.75
C VAL A 147 29.04 -20.66 -25.37
N PRO A 148 27.98 -21.47 -25.62
CA PRO A 148 28.12 -22.81 -26.21
C PRO A 148 28.58 -22.78 -27.68
N ASN A 149 29.01 -23.94 -28.19
CA ASN A 149 29.23 -24.13 -29.62
C ASN A 149 30.50 -23.42 -30.10
N GLU A 150 31.00 -22.53 -29.25
CA GLU A 150 32.22 -21.78 -29.57
C GLU A 150 33.41 -22.48 -28.98
N LYS A 151 34.37 -22.86 -29.83
CA LYS A 151 35.61 -23.47 -29.38
C LYS A 151 35.34 -24.52 -28.29
N GLY A 152 34.64 -25.60 -28.66
CA GLY A 152 34.39 -26.72 -27.75
C GLY A 152 33.78 -26.32 -26.40
N VAL A 153 32.66 -25.61 -26.43
CA VAL A 153 31.96 -25.20 -25.21
C VAL A 153 30.49 -25.63 -25.28
N SER A 154 30.03 -26.47 -24.36
CA SER A 154 28.66 -27.01 -24.43
C SER A 154 27.88 -27.00 -23.09
N VAL A 155 26.56 -27.22 -23.17
CA VAL A 155 25.71 -27.24 -21.97
C VAL A 155 24.54 -28.26 -22.02
N LYS A 156 24.32 -28.97 -20.91
CA LYS A 156 23.12 -29.81 -20.75
C LYS A 156 22.20 -29.19 -19.68
N GLU A 157 21.12 -28.55 -20.11
CA GLU A 157 20.23 -27.85 -19.19
C GLU A 157 18.83 -28.45 -19.19
N GLN A 158 18.10 -28.19 -18.10
CA GLN A 158 16.74 -28.70 -17.93
C GLN A 158 15.98 -27.81 -16.94
N THR A 159 14.66 -27.96 -16.94
CA THR A 159 13.80 -27.24 -16.01
C THR A 159 12.69 -28.19 -15.51
N ARG A 160 12.34 -28.10 -14.22
CA ARG A 160 11.32 -28.99 -13.63
C ARG A 160 10.43 -28.23 -12.64
N ARG A 161 9.11 -28.41 -12.76
CA ARG A 161 8.18 -27.70 -11.88
C ARG A 161 7.68 -28.60 -10.74
N HIS A 162 8.05 -28.26 -9.50
CA HIS A 162 7.53 -29.01 -8.35
C HIS A 162 6.01 -29.01 -8.41
N PRO A 163 5.39 -30.21 -8.37
CA PRO A 163 3.96 -30.43 -8.58
C PRO A 163 3.10 -29.67 -7.56
N GLU A 164 3.46 -29.80 -6.29
CA GLU A 164 2.72 -29.17 -5.20
C GLU A 164 2.64 -27.66 -5.41
N THR A 165 3.81 -27.00 -5.36
CA THR A 165 3.91 -25.55 -5.37
C THR A 165 3.75 -24.91 -6.76
N GLY A 166 4.32 -25.54 -7.79
CA GLY A 166 4.26 -24.99 -9.15
C GLY A 166 5.51 -24.18 -9.52
N LEU A 167 6.43 -24.04 -8.56
CA LEU A 167 7.71 -23.33 -8.80
C LEU A 167 8.63 -24.21 -9.64
N PHE A 168 9.84 -23.71 -9.94
CA PHE A 168 10.72 -24.39 -10.89
C PHE A 168 12.13 -24.71 -10.35
N THR A 169 12.72 -25.76 -10.92
CA THR A 169 14.09 -26.17 -10.60
C THR A 169 14.90 -26.32 -11.90
N LEU A 170 15.92 -25.46 -12.07
CA LEU A 170 16.74 -25.48 -13.29
C LEU A 170 18.11 -26.13 -13.02
N GLN A 171 18.50 -27.06 -13.89
CA GLN A 171 19.83 -27.66 -13.82
C GLN A 171 20.67 -27.23 -15.03
N SER A 172 21.92 -26.83 -14.77
CA SER A 172 22.86 -26.51 -15.84
C SER A 172 24.20 -27.17 -15.57
N GLU A 173 24.62 -28.06 -16.46
CA GLU A 173 25.88 -28.77 -16.30
C GLU A 173 26.91 -28.23 -17.30
N LEU A 174 28.00 -27.65 -16.77
CA LEU A 174 29.03 -26.99 -17.61
C LEU A 174 30.13 -27.94 -18.06
N MET A 175 30.52 -27.80 -19.33
CA MET A 175 31.58 -28.60 -19.91
C MET A 175 32.41 -27.79 -20.92
N VAL A 176 33.74 -27.93 -20.87
CA VAL A 176 34.66 -27.17 -21.75
C VAL A 176 35.91 -27.97 -22.11
N THR A 177 36.53 -27.63 -23.25
CA THR A 177 37.85 -28.16 -23.57
C THR A 177 38.90 -27.05 -23.36
N PRO A 178 39.65 -27.13 -22.25
CA PRO A 178 40.64 -26.10 -21.90
C PRO A 178 41.72 -25.96 -22.96
N ALA A 179 42.09 -24.73 -23.30
CA ALA A 179 43.22 -24.50 -24.19
C ALA A 179 44.50 -24.89 -23.44
N ARG A 180 45.44 -25.51 -24.16
CA ARG A 180 46.74 -25.83 -23.58
C ARG A 180 47.60 -24.55 -23.56
N GLY A 181 48.03 -24.15 -22.35
CA GLY A 181 48.74 -22.89 -22.16
C GLY A 181 47.93 -21.78 -21.46
N GLY A 182 46.70 -22.11 -21.06
CA GLY A 182 45.82 -21.14 -20.42
C GLY A 182 46.05 -20.94 -18.92
N ASP A 183 44.99 -20.52 -18.23
CA ASP A 183 45.03 -20.30 -16.79
C ASP A 183 44.85 -21.59 -16.02
N PRO A 184 45.90 -22.00 -15.32
CA PRO A 184 45.91 -23.22 -14.49
C PRO A 184 45.08 -23.07 -13.21
N ARG A 185 44.75 -21.83 -12.84
CA ARG A 185 43.95 -21.59 -11.62
C ARG A 185 42.70 -20.77 -11.96
N PRO A 186 41.87 -21.28 -12.87
CA PRO A 186 40.71 -20.53 -13.37
C PRO A 186 39.57 -20.57 -12.36
N THR A 187 38.75 -19.52 -12.36
CA THR A 187 37.61 -19.44 -11.46
C THR A 187 36.32 -19.42 -12.29
N PHE A 188 35.40 -20.33 -11.97
CA PHE A 188 34.12 -20.39 -12.66
C PHE A 188 32.98 -20.09 -11.68
N SER A 189 31.88 -19.57 -12.20
CA SER A 189 30.66 -19.41 -11.39
C SER A 189 29.39 -19.52 -12.27
N CYS A 190 28.24 -19.71 -11.61
CA CYS A 190 26.95 -19.76 -12.29
C CYS A 190 26.12 -18.62 -11.70
N SER A 191 25.14 -18.15 -12.47
CA SER A 191 24.27 -17.08 -12.00
C SER A 191 22.84 -17.31 -12.45
N PHE A 192 21.90 -17.05 -11.53
CA PHE A 192 20.49 -17.11 -11.87
C PHE A 192 20.01 -15.73 -12.27
N SER A 193 19.66 -15.58 -13.56
CA SER A 193 19.11 -14.34 -14.05
C SER A 193 17.59 -14.54 -14.13
N PRO A 194 16.86 -13.92 -13.19
CA PRO A 194 15.40 -14.09 -13.06
C PRO A 194 14.64 -13.67 -14.34
N GLY A 195 13.43 -14.21 -14.51
CA GLY A 195 12.58 -13.85 -15.65
C GLY A 195 12.18 -12.38 -15.57
N LEU A 196 11.55 -12.01 -14.46
CA LEU A 196 11.19 -10.60 -14.24
C LEU A 196 12.35 -9.88 -13.56
N PRO A 197 12.88 -8.79 -14.19
CA PRO A 197 14.12 -8.13 -13.72
C PRO A 197 13.88 -7.39 -12.41
N ARG A 198 13.27 -8.10 -11.47
CA ARG A 198 12.84 -7.57 -10.17
C ARG A 198 14.11 -7.32 -9.34
N HIS A 199 14.92 -8.36 -9.24
CA HIS A 199 16.15 -8.30 -8.46
C HIS A 199 17.31 -8.54 -9.40
N ARG A 200 18.53 -8.25 -8.91
CA ARG A 200 19.71 -8.49 -9.72
C ARG A 200 19.97 -9.99 -9.67
N ALA A 201 20.92 -10.45 -10.48
CA ALA A 201 21.14 -11.88 -10.62
C ALA A 201 21.79 -12.44 -9.36
N LEU A 202 21.70 -13.76 -9.18
CA LEU A 202 22.33 -14.44 -8.05
C LEU A 202 23.40 -15.40 -8.57
N ARG A 203 24.58 -15.33 -7.97
CA ARG A 203 25.72 -16.10 -8.47
C ARG A 203 26.25 -17.08 -7.44
N THR A 204 26.57 -18.29 -7.91
CA THR A 204 27.17 -19.31 -7.05
C THR A 204 28.54 -18.83 -6.60
N ALA A 205 29.05 -19.43 -5.53
CA ALA A 205 30.44 -19.25 -5.16
C ALA A 205 31.29 -19.83 -6.29
N PRO A 206 32.59 -19.43 -6.35
CA PRO A 206 33.37 -19.86 -7.53
C PRO A 206 33.86 -21.29 -7.37
N ILE A 207 34.52 -21.81 -8.41
CA ILE A 207 35.23 -23.09 -8.31
C ILE A 207 36.55 -22.97 -9.07
N GLN A 208 37.66 -23.28 -8.39
CA GLN A 208 38.97 -23.04 -8.97
C GLN A 208 39.72 -24.35 -9.09
N PRO A 209 39.28 -25.23 -10.00
CA PRO A 209 39.95 -26.53 -10.11
C PRO A 209 41.35 -26.29 -10.63
N ARG A 210 42.18 -27.33 -10.65
CA ARG A 210 43.54 -27.22 -11.17
C ARG A 210 43.70 -27.90 -12.53
N VAL A 211 44.11 -27.13 -13.53
CA VAL A 211 44.33 -27.67 -14.87
C VAL A 211 45.62 -28.48 -14.85
N TRP A 212 45.51 -29.77 -15.20
CA TRP A 212 46.69 -30.61 -15.20
C TRP A 212 47.05 -30.99 -16.62
N GLU A 213 48.18 -31.68 -16.76
CA GLU A 213 48.78 -31.89 -18.08
C GLU A 213 48.90 -33.33 -18.54
N PRO A 214 48.26 -33.65 -19.69
CA PRO A 214 48.31 -34.96 -20.36
C PRO A 214 49.65 -35.16 -21.08
N VAL A 215 49.79 -36.28 -21.81
CA VAL A 215 51.00 -36.55 -22.61
C VAL A 215 50.65 -37.25 -23.93
N VAL B 3 6.81 6.86 23.03
CA VAL B 3 6.88 5.39 22.94
C VAL B 3 7.78 4.98 21.78
N ASP B 4 8.28 3.74 21.82
CA ASP B 4 9.02 3.16 20.69
C ASP B 4 8.08 3.18 19.48
N ALA B 5 6.80 3.44 19.77
CA ALA B 5 5.73 3.49 18.76
C ALA B 5 6.02 4.49 17.63
N GLN B 6 5.98 4.00 16.40
CA GLN B 6 6.07 4.85 15.22
C GLN B 6 4.65 5.24 14.83
N ASN B 7 4.48 6.43 14.29
CA ASN B 7 3.15 6.94 14.01
C ASN B 7 2.59 6.70 12.60
N ILE B 8 1.31 6.34 12.56
CA ILE B 8 0.62 6.05 11.30
C ILE B 8 -0.70 6.81 11.31
N THR B 9 -1.05 7.41 10.17
CA THR B 9 -2.30 8.15 10.04
C THR B 9 -3.01 7.73 8.76
N ALA B 10 -4.31 7.47 8.88
CA ALA B 10 -5.08 6.98 7.71
C ALA B 10 -6.42 7.70 7.52
N ARG B 11 -6.89 7.75 6.26
CA ARG B 11 -8.20 8.34 5.98
C ARG B 11 -9.31 7.35 6.34
N ILE B 12 -10.40 7.88 6.86
CA ILE B 12 -11.53 7.06 7.31
C ILE B 12 -12.27 6.38 6.14
N GLY B 13 -12.41 5.05 6.23
CA GLY B 13 -13.08 4.26 5.20
C GLY B 13 -12.13 3.42 4.33
N GLU B 14 -10.84 3.78 4.33
CA GLU B 14 -9.85 3.06 3.53
C GLU B 14 -9.22 1.92 4.31
N PRO B 15 -8.71 0.90 3.57
CA PRO B 15 -8.09 -0.25 4.24
C PRO B 15 -6.68 0.13 4.71
N LEU B 16 -6.26 -0.48 5.82
CA LEU B 16 -4.88 -0.33 6.27
C LEU B 16 -4.26 -1.71 6.43
N VAL B 17 -2.94 -1.78 6.29
CA VAL B 17 -2.22 -3.03 6.42
C VAL B 17 -0.88 -2.81 7.14
N LEU B 18 -0.74 -3.42 8.31
CA LEU B 18 0.47 -3.27 9.11
C LEU B 18 1.45 -4.42 8.87
N LYS B 19 2.74 -4.10 8.96
CA LYS B 19 3.78 -5.11 8.77
C LYS B 19 4.26 -5.71 10.10
N CYS B 20 4.41 -7.04 10.13
CA CYS B 20 5.03 -7.70 11.28
C CYS B 20 6.52 -7.85 10.98
N LYS B 21 7.35 -7.13 11.75
CA LYS B 21 8.80 -7.09 11.49
C LYS B 21 9.47 -8.44 11.70
N GLY B 22 10.18 -8.90 10.66
CA GLY B 22 10.96 -10.13 10.75
C GLY B 22 10.12 -11.39 10.98
N ALA B 23 9.11 -11.61 10.12
CA ALA B 23 8.22 -12.76 10.25
C ALA B 23 8.34 -13.70 9.05
N PRO B 24 8.03 -15.00 9.26
CA PRO B 24 7.94 -15.94 8.14
C PRO B 24 6.99 -15.37 7.09
N LYS B 25 7.37 -15.42 5.81
CA LYS B 25 6.58 -14.81 4.75
C LYS B 25 5.38 -15.70 4.40
N LYS B 26 5.56 -17.02 4.57
CA LYS B 26 4.49 -17.99 4.36
C LYS B 26 4.17 -18.65 5.70
N PRO B 27 2.91 -19.09 5.90
CA PRO B 27 2.66 -19.90 7.09
C PRO B 27 3.38 -21.25 6.95
N PRO B 28 3.37 -22.08 8.01
CA PRO B 28 2.84 -21.68 9.34
C PRO B 28 3.77 -20.67 10.04
N GLN B 29 3.18 -19.66 10.71
CA GLN B 29 3.94 -18.59 11.35
C GLN B 29 3.53 -18.44 12.82
N ARG B 30 4.49 -18.08 13.69
CA ARG B 30 4.13 -17.75 15.07
C ARG B 30 4.28 -16.26 15.35
N LEU B 31 3.15 -15.58 15.44
CA LEU B 31 3.10 -14.17 15.81
C LEU B 31 1.75 -13.85 16.42
N GLU B 32 1.71 -12.90 17.35
CA GLU B 32 0.44 -12.48 17.92
C GLU B 32 0.36 -10.96 18.08
N TRP B 33 -0.68 -10.38 17.50
CA TRP B 33 -0.92 -8.94 17.57
C TRP B 33 -1.58 -8.56 18.91
N LYS B 34 -1.25 -7.35 19.37
CA LYS B 34 -1.84 -6.80 20.59
C LYS B 34 -2.25 -5.38 20.31
N LEU B 35 -3.52 -5.08 20.55
CA LEU B 35 -4.00 -3.72 20.32
C LEU B 35 -5.01 -3.26 21.36
N ASN B 36 -4.76 -2.07 21.91
CA ASN B 36 -5.76 -1.41 22.75
C ASN B 36 -6.26 -0.22 21.96
N THR B 37 -7.57 -0.22 21.68
CA THR B 37 -8.17 0.85 20.91
C THR B 37 -9.63 1.05 21.31
N GLY B 38 -10.33 1.84 20.51
CA GLY B 38 -11.75 2.10 20.73
C GLY B 38 -12.58 0.82 20.77
N ARG B 39 -12.32 -0.12 19.85
CA ARG B 39 -13.13 -1.35 19.81
C ARG B 39 -12.71 -2.35 20.88
N THR B 40 -11.41 -2.43 21.14
CA THR B 40 -10.90 -3.34 22.17
C THR B 40 -11.35 -2.83 23.52
N GLU B 41 -11.89 -3.72 24.35
CA GLU B 41 -12.26 -3.32 25.69
C GLU B 41 -10.97 -2.86 26.36
N ALA B 42 -10.00 -3.76 26.45
CA ALA B 42 -8.67 -3.37 26.94
C ALA B 42 -7.60 -3.76 25.95
N TRP B 43 -7.28 -5.05 25.92
CA TRP B 43 -6.23 -5.55 25.03
C TRP B 43 -6.74 -6.78 24.29
N LYS B 44 -6.82 -6.68 22.96
CA LYS B 44 -7.23 -7.83 22.14
C LYS B 44 -6.02 -8.45 21.45
N VAL B 45 -5.85 -9.76 21.62
CA VAL B 45 -4.73 -10.47 21.03
C VAL B 45 -5.21 -11.28 19.82
N LEU B 46 -4.56 -11.08 18.67
CA LEU B 46 -5.02 -11.70 17.43
C LEU B 46 -3.98 -12.68 16.85
N SER B 47 -4.47 -13.76 16.22
CA SER B 47 -3.62 -14.87 15.75
C SER B 47 -3.76 -15.11 14.25
N PRO B 48 -2.76 -15.79 13.65
CA PRO B 48 -2.81 -16.13 12.21
C PRO B 48 -4.10 -16.86 11.82
N GLN B 49 -4.68 -17.61 12.77
CA GLN B 49 -5.92 -18.34 12.53
C GLN B 49 -7.13 -17.43 12.63
N GLY B 50 -7.02 -16.38 13.45
CA GLY B 50 -8.14 -15.50 13.73
C GLY B 50 -9.30 -16.31 14.31
N GLY B 51 -10.49 -16.14 13.74
CA GLY B 51 -11.64 -16.98 14.09
C GLY B 51 -12.76 -16.36 14.92
N GLY B 52 -12.54 -15.17 15.47
CA GLY B 52 -13.59 -14.50 16.22
C GLY B 52 -14.54 -13.72 15.31
N PRO B 53 -15.29 -12.77 15.89
CA PRO B 53 -16.03 -11.76 15.13
C PRO B 53 -15.09 -10.78 14.40
N TRP B 54 -13.80 -10.80 14.78
CA TRP B 54 -12.78 -9.89 14.23
C TRP B 54 -12.31 -10.25 12.81
N ASP B 55 -12.74 -11.41 12.29
CA ASP B 55 -12.29 -11.85 10.95
C ASP B 55 -12.87 -10.97 9.83
N SER B 56 -13.98 -10.29 10.13
CA SER B 56 -14.58 -9.34 9.21
C SER B 56 -14.10 -7.92 9.52
N VAL B 57 -13.19 -7.80 10.50
CA VAL B 57 -12.66 -6.51 10.94
C VAL B 57 -11.12 -6.50 10.88
N ALA B 58 -10.49 -7.33 11.72
CA ALA B 58 -9.03 -7.45 11.70
C ALA B 58 -8.60 -8.93 11.59
N ARG B 59 -7.93 -9.26 10.48
CA ARG B 59 -7.46 -10.63 10.27
C ARG B 59 -6.00 -10.66 9.83
N VAL B 60 -5.20 -11.43 10.55
CA VAL B 60 -3.79 -11.64 10.18
C VAL B 60 -3.69 -12.33 8.82
N LEU B 61 -2.87 -11.76 7.92
CA LEU B 61 -2.70 -12.30 6.57
C LEU B 61 -1.73 -13.49 6.54
N PRO B 62 -1.74 -14.25 5.42
CA PRO B 62 -0.94 -15.48 5.40
C PRO B 62 0.52 -15.12 5.61
N ASN B 63 0.89 -13.89 5.22
CA ASN B 63 2.29 -13.44 5.27
C ASN B 63 2.61 -12.74 6.59
N GLY B 64 1.65 -12.75 7.51
CA GLY B 64 1.91 -12.25 8.87
C GLY B 64 1.42 -10.83 9.15
N SER B 65 1.24 -10.03 8.10
CA SER B 65 0.78 -8.65 8.32
C SER B 65 -0.63 -8.64 8.89
N LEU B 66 -1.01 -7.53 9.51
CA LEU B 66 -2.37 -7.35 10.02
C LEU B 66 -3.22 -6.55 9.05
N PHE B 67 -4.44 -7.05 8.80
CA PHE B 67 -5.29 -6.48 7.74
C PHE B 67 -6.67 -5.96 8.22
N LEU B 68 -6.96 -4.70 7.88
CA LEU B 68 -8.26 -4.09 8.15
C LEU B 68 -8.94 -3.65 6.85
N PRO B 69 -10.09 -4.27 6.51
CA PRO B 69 -10.81 -4.03 5.24
C PRO B 69 -11.12 -2.54 4.99
N ALA B 70 -11.65 -1.86 6.00
CA ALA B 70 -11.81 -0.41 5.93
C ALA B 70 -11.75 0.15 7.34
N VAL B 71 -11.08 1.29 7.49
CA VAL B 71 -10.93 1.90 8.82
C VAL B 71 -12.19 2.62 9.33
N GLY B 72 -12.26 2.82 10.65
CA GLY B 72 -13.34 3.58 11.27
C GLY B 72 -12.77 4.24 12.52
N ILE B 73 -13.44 5.27 13.02
CA ILE B 73 -12.89 6.03 14.15
C ILE B 73 -12.48 5.11 15.30
N GLN B 74 -13.32 4.11 15.59
CA GLN B 74 -13.10 3.24 16.74
C GLN B 74 -11.77 2.54 16.63
N ASP B 75 -11.18 2.58 15.43
CA ASP B 75 -9.95 1.83 15.16
C ASP B 75 -8.68 2.59 15.60
N GLU B 76 -8.84 3.79 16.14
CA GLU B 76 -7.68 4.55 16.64
C GLU B 76 -7.13 3.97 17.95
N GLY B 77 -5.81 3.79 17.99
CA GLY B 77 -5.16 3.19 19.14
C GLY B 77 -3.71 2.83 18.87
N ILE B 78 -3.19 1.87 19.65
CA ILE B 78 -1.83 1.40 19.42
C ILE B 78 -1.87 -0.05 18.95
N PHE B 79 -0.91 -0.41 18.09
CA PHE B 79 -0.86 -1.76 17.54
C PHE B 79 0.54 -2.33 17.59
N ARG B 80 0.66 -3.54 18.14
CA ARG B 80 1.96 -4.15 18.32
C ARG B 80 1.93 -5.61 17.90
N CYS B 81 3.10 -6.10 17.48
CA CYS B 81 3.24 -7.49 17.07
C CYS B 81 4.50 -8.08 17.69
N GLN B 82 4.45 -9.39 17.95
CA GLN B 82 5.60 -10.14 18.39
C GLN B 82 5.73 -11.41 17.54
N ALA B 83 6.82 -11.52 16.81
CA ALA B 83 7.05 -12.70 15.95
C ALA B 83 8.36 -13.37 16.32
N MET B 84 8.48 -14.66 15.96
CA MET B 84 9.74 -15.36 16.15
C MET B 84 10.37 -15.75 14.81
N ASN B 85 11.58 -15.21 14.58
CA ASN B 85 12.37 -15.54 13.40
C ASN B 85 13.19 -16.77 13.76
N ARG B 86 12.88 -17.88 13.10
CA ARG B 86 13.39 -19.18 13.52
C ARG B 86 14.86 -19.33 13.13
N ASN B 87 15.71 -19.54 14.15
CA ASN B 87 15.29 -19.50 15.56
C ASN B 87 16.51 -19.11 16.40
N GLY B 88 16.30 -18.53 17.60
CA GLY B 88 14.98 -18.20 18.12
C GLY B 88 14.69 -16.73 17.94
N LYS B 89 15.32 -16.13 16.92
CA LYS B 89 15.33 -14.67 16.75
C LYS B 89 13.91 -14.12 16.91
N GLU B 90 13.79 -12.97 17.58
CA GLU B 90 12.48 -12.43 17.95
C GLU B 90 12.42 -10.92 17.70
N THR B 91 11.33 -10.46 17.07
CA THR B 91 11.23 -9.04 16.66
C THR B 91 9.93 -8.34 17.07
N LYS B 92 9.98 -7.00 17.15
CA LYS B 92 8.86 -6.22 17.68
C LYS B 92 8.34 -5.18 16.69
N SER B 93 7.13 -4.69 16.97
CA SER B 93 6.59 -3.55 16.23
C SER B 93 5.75 -2.68 17.19
N ASN B 94 5.88 -1.37 17.04
CA ASN B 94 5.09 -0.46 17.85
C ASN B 94 4.48 0.64 16.97
N TYR B 95 3.15 0.64 16.86
CA TYR B 95 2.46 1.54 15.94
C TYR B 95 1.41 2.39 16.65
N ARG B 96 1.51 3.71 16.45
CA ARG B 96 0.43 4.58 16.88
C ARG B 96 -0.36 4.91 15.63
N VAL B 97 -1.67 4.73 15.70
CA VAL B 97 -2.52 4.93 14.52
C VAL B 97 -3.65 5.93 14.76
N ARG B 98 -3.65 7.00 13.97
CA ARG B 98 -4.71 7.99 14.06
C ARG B 98 -5.38 8.05 12.70
N VAL B 99 -6.59 8.61 12.66
CA VAL B 99 -7.31 8.71 11.38
C VAL B 99 -7.97 10.06 11.22
N TYR B 100 -8.59 10.26 10.05
CA TYR B 100 -9.16 11.56 9.76
C TYR B 100 -10.26 11.47 8.71
N GLN B 101 -11.14 12.46 8.74
CA GLN B 101 -12.10 12.63 7.66
C GLN B 101 -12.17 14.10 7.25
N ILE B 102 -12.51 14.31 5.98
CA ILE B 102 -12.56 15.66 5.42
C ILE B 102 -14.00 16.08 5.12
N PRO B 103 -14.42 17.17 5.78
CA PRO B 103 -15.78 17.70 5.69
C PRO B 103 -15.96 18.34 4.32
N GLY B 104 -17.21 18.55 3.90
CA GLY B 104 -17.46 19.28 2.65
C GLY B 104 -16.93 20.71 2.76
N LYS B 105 -16.88 21.42 1.62
CA LYS B 105 -16.46 22.83 1.62
C LYS B 105 -17.37 23.63 2.57
N PRO B 106 -16.76 24.40 3.47
CA PRO B 106 -17.54 25.15 4.47
C PRO B 106 -18.53 26.07 3.77
N GLU B 107 -19.68 26.32 4.41
CA GLU B 107 -20.72 27.15 3.82
C GLU B 107 -20.93 28.37 4.72
N ILE B 108 -21.50 29.43 4.14
CA ILE B 108 -21.85 30.61 4.94
C ILE B 108 -23.37 30.68 5.03
N VAL B 109 -23.86 31.26 6.12
CA VAL B 109 -25.30 31.41 6.36
C VAL B 109 -25.55 32.65 7.24
N ASP B 110 -26.80 33.12 7.28
CA ASP B 110 -27.12 34.30 8.10
C ASP B 110 -26.13 35.45 7.86
N SER B 111 -25.79 35.66 6.58
CA SER B 111 -24.79 36.66 6.19
C SER B 111 -25.42 38.03 5.90
N ALA B 112 -24.88 39.08 6.53
CA ALA B 112 -25.46 40.44 6.42
C ALA B 112 -25.58 40.90 4.97
N SER B 113 -26.78 41.35 4.59
CA SER B 113 -27.00 41.95 3.27
C SER B 113 -26.07 43.17 3.18
N GLU B 114 -26.19 44.05 4.17
CA GLU B 114 -25.27 45.16 4.36
C GLU B 114 -25.20 45.38 5.87
N LEU B 115 -24.05 45.87 6.34
CA LEU B 115 -23.90 46.20 7.75
C LEU B 115 -23.36 47.62 7.88
N THR B 116 -23.44 48.17 9.08
CA THR B 116 -23.16 49.60 9.29
C THR B 116 -21.97 49.81 10.25
N ALA B 117 -21.30 50.97 10.13
CA ALA B 117 -20.03 51.22 10.85
C ALA B 117 -20.22 51.72 12.29
N GLY B 118 -19.08 51.88 12.99
CA GLY B 118 -19.07 52.43 14.35
C GLY B 118 -19.66 51.51 15.43
N VAL B 119 -20.27 50.40 14.98
CA VAL B 119 -20.93 49.44 15.89
C VAL B 119 -20.74 47.98 15.46
N PRO B 120 -21.05 47.05 16.38
CA PRO B 120 -21.06 45.61 16.04
C PRO B 120 -22.11 45.26 14.97
N ASN B 121 -21.89 44.18 14.23
CA ASN B 121 -22.84 43.71 13.21
C ASN B 121 -22.78 42.19 13.14
N LYS B 122 -23.89 41.53 12.80
CA LYS B 122 -23.83 40.08 12.60
C LYS B 122 -23.48 39.86 11.13
N VAL B 123 -22.26 39.39 10.91
CA VAL B 123 -21.78 39.21 9.54
C VAL B 123 -22.24 37.87 8.93
N GLY B 124 -22.33 36.82 9.76
CA GLY B 124 -22.77 35.51 9.29
C GLY B 124 -22.21 34.33 10.06
N THR B 125 -22.39 33.12 9.51
CA THR B 125 -21.88 31.91 10.16
C THR B 125 -21.34 30.87 9.14
N CYS B 126 -20.11 30.40 9.38
CA CYS B 126 -19.52 29.30 8.59
C CYS B 126 -19.99 27.96 9.14
N VAL B 127 -20.15 26.96 8.25
CA VAL B 127 -20.55 25.62 8.69
C VAL B 127 -19.80 24.53 7.91
N SER B 128 -19.18 23.61 8.64
CA SER B 128 -18.48 22.50 8.00
C SER B 128 -18.91 21.16 8.62
N GLU B 129 -19.32 20.21 7.77
CA GLU B 129 -19.83 18.94 8.27
C GLU B 129 -19.08 17.71 7.74
N GLY B 130 -18.82 16.76 8.64
CA GLY B 130 -18.16 15.52 8.26
C GLY B 130 -16.65 15.55 8.42
N SER B 131 -16.15 16.40 9.32
CA SER B 131 -14.70 16.56 9.51
C SER B 131 -14.15 15.75 10.66
N TYR B 132 -13.01 15.11 10.45
CA TYR B 132 -12.30 14.50 11.56
C TYR B 132 -10.79 14.56 11.34
N PRO B 133 -10.02 14.76 12.44
CA PRO B 133 -10.56 15.12 13.75
C PRO B 133 -11.21 16.49 13.64
N ALA B 134 -11.65 17.04 14.78
CA ALA B 134 -12.54 18.20 14.78
C ALA B 134 -12.16 19.27 13.76
N GLY B 135 -10.98 19.89 13.92
CA GLY B 135 -10.56 20.96 13.02
C GLY B 135 -11.19 22.29 13.41
N THR B 136 -10.92 23.33 12.62
CA THR B 136 -11.24 24.70 13.06
C THR B 136 -11.70 25.65 11.94
N LEU B 137 -12.35 26.75 12.35
CA LEU B 137 -12.85 27.75 11.40
C LEU B 137 -12.21 29.13 11.64
N SER B 138 -11.49 29.65 10.64
CA SER B 138 -10.77 30.92 10.78
C SER B 138 -11.29 31.95 9.80
N TRP B 139 -11.62 33.13 10.32
CA TRP B 139 -12.10 34.23 9.48
C TRP B 139 -10.98 35.06 8.85
N HIS B 140 -11.24 35.56 7.64
CA HIS B 140 -10.27 36.37 6.89
C HIS B 140 -10.93 37.57 6.26
N LEU B 141 -10.44 38.76 6.62
CA LEU B 141 -10.93 39.98 6.00
C LEU B 141 -10.01 40.40 4.84
N ASP B 142 -10.51 40.26 3.61
CA ASP B 142 -9.74 40.64 2.44
C ASP B 142 -8.58 39.69 2.18
N GLY B 143 -8.60 38.55 2.87
CA GLY B 143 -7.57 37.54 2.73
C GLY B 143 -6.57 37.62 3.88
N LYS B 144 -6.81 38.54 4.80
CA LYS B 144 -6.03 38.65 6.02
C LYS B 144 -6.80 38.06 7.19
N PRO B 145 -6.08 37.64 8.22
CA PRO B 145 -6.69 37.02 9.41
C PRO B 145 -7.52 37.97 10.26
N LEU B 146 -8.54 37.41 10.94
CA LEU B 146 -9.34 38.18 11.89
C LEU B 146 -9.18 37.61 13.31
N VAL B 147 -8.58 38.41 14.20
CA VAL B 147 -8.29 37.98 15.58
C VAL B 147 -9.31 38.53 16.59
N PRO B 148 -9.86 37.64 17.43
CA PRO B 148 -10.88 37.96 18.46
C PRO B 148 -10.34 38.90 19.56
N ASN B 149 -11.28 39.50 20.32
CA ASN B 149 -10.94 40.38 21.46
C ASN B 149 -10.34 41.72 21.02
N GLU B 150 -10.01 41.81 19.73
CA GLU B 150 -9.31 42.99 19.23
C GLU B 150 -10.14 43.81 18.22
N LYS B 151 -10.55 44.99 18.68
CA LYS B 151 -11.27 45.95 17.82
C LYS B 151 -12.57 45.41 17.20
N GLY B 152 -13.57 45.20 18.06
CA GLY B 152 -14.93 44.90 17.63
C GLY B 152 -15.12 43.59 16.87
N VAL B 153 -14.05 42.80 16.79
CA VAL B 153 -14.11 41.50 16.12
C VAL B 153 -14.47 40.40 17.11
N SER B 154 -15.59 39.70 16.86
CA SER B 154 -16.03 38.62 17.76
C SER B 154 -16.49 37.36 16.99
N VAL B 155 -16.37 36.21 17.63
CA VAL B 155 -16.77 34.93 17.01
C VAL B 155 -17.55 34.03 17.99
N LYS B 156 -18.78 33.67 17.60
CA LYS B 156 -19.63 32.84 18.45
C LYS B 156 -19.56 31.40 17.92
N GLU B 157 -18.87 30.54 18.68
CA GLU B 157 -18.42 29.25 18.13
C GLU B 157 -18.89 28.00 18.87
N GLN B 158 -18.97 26.90 18.13
CA GLN B 158 -19.38 25.62 18.69
C GLN B 158 -18.87 24.45 17.84
N THR B 159 -18.90 23.25 18.41
CA THR B 159 -18.66 22.01 17.66
C THR B 159 -19.75 20.99 18.05
N ARG B 160 -20.44 20.45 17.03
CA ARG B 160 -21.53 19.49 17.27
C ARG B 160 -21.20 18.10 16.72
N ARG B 161 -20.97 17.13 17.59
CA ARG B 161 -20.62 15.79 17.13
C ARG B 161 -21.83 14.92 16.80
N HIS B 162 -21.98 14.54 15.52
CA HIS B 162 -23.02 13.61 15.13
C HIS B 162 -22.81 12.38 16.02
N PRO B 163 -23.79 12.09 16.89
CA PRO B 163 -23.72 10.97 17.86
C PRO B 163 -23.58 9.63 17.14
N GLU B 164 -24.13 9.53 15.92
CA GLU B 164 -24.05 8.30 15.13
C GLU B 164 -22.73 8.15 14.38
N THR B 165 -22.47 9.07 13.44
CA THR B 165 -21.26 9.02 12.61
C THR B 165 -19.99 9.35 13.43
N GLY B 166 -20.18 9.84 14.66
CA GLY B 166 -19.06 10.22 15.51
C GLY B 166 -18.27 11.38 14.88
N LEU B 167 -18.88 12.04 13.89
CA LEU B 167 -18.24 13.14 13.17
C LEU B 167 -18.64 14.52 13.72
N PHE B 168 -18.08 15.58 13.12
CA PHE B 168 -18.24 16.94 13.64
C PHE B 168 -18.97 17.90 12.68
N THR B 169 -19.98 18.57 13.20
CA THR B 169 -20.64 19.67 12.50
C THR B 169 -20.13 20.98 13.13
N LEU B 170 -19.56 21.85 12.29
CA LEU B 170 -18.92 23.08 12.78
C LEU B 170 -19.72 24.35 12.46
N GLN B 171 -19.72 25.29 13.41
CA GLN B 171 -20.37 26.58 13.21
C GLN B 171 -19.53 27.73 13.83
N SER B 172 -19.29 28.78 13.03
CA SER B 172 -18.57 29.97 13.52
C SER B 172 -19.32 31.22 13.08
N GLU B 173 -19.84 31.98 14.05
CA GLU B 173 -20.57 33.20 13.73
C GLU B 173 -19.70 34.44 14.01
N LEU B 174 -19.43 35.22 12.96
CA LEU B 174 -18.59 36.42 13.09
C LEU B 174 -19.40 37.71 13.16
N MET B 175 -19.00 38.59 14.07
CA MET B 175 -19.55 39.94 14.15
C MET B 175 -18.37 40.91 14.24
N VAL B 176 -18.56 42.14 13.75
CA VAL B 176 -17.47 43.12 13.71
C VAL B 176 -17.97 44.54 13.97
N THR B 177 -17.16 45.35 14.66
CA THR B 177 -17.42 46.79 14.70
C THR B 177 -16.42 47.47 13.75
N PRO B 178 -16.91 47.94 12.59
CA PRO B 178 -16.04 48.61 11.61
C PRO B 178 -15.65 50.00 12.11
N ALA B 179 -14.40 50.40 11.85
CA ALA B 179 -13.98 51.77 12.15
C ALA B 179 -14.71 52.70 11.19
N ARG B 180 -15.34 53.74 11.75
CA ARG B 180 -16.03 54.73 10.92
C ARG B 180 -15.05 55.32 9.88
N GLY B 181 -15.46 55.26 8.60
CA GLY B 181 -14.59 55.68 7.50
C GLY B 181 -13.69 54.57 6.94
N GLY B 182 -14.13 53.31 7.07
CA GLY B 182 -13.36 52.17 6.59
C GLY B 182 -13.69 51.73 5.17
N ASP B 183 -13.10 50.62 4.73
CA ASP B 183 -13.39 50.10 3.39
C ASP B 183 -14.88 49.81 3.28
N PRO B 184 -15.56 50.53 2.37
CA PRO B 184 -17.01 50.44 2.09
C PRO B 184 -17.46 49.13 1.41
N ARG B 185 -16.51 48.36 0.87
CA ARG B 185 -16.84 47.05 0.27
C ARG B 185 -15.79 46.00 0.63
N PRO B 186 -15.65 45.69 1.94
CA PRO B 186 -14.66 44.75 2.46
C PRO B 186 -15.07 43.28 2.23
N THR B 187 -14.07 42.40 2.19
CA THR B 187 -14.29 41.00 1.82
C THR B 187 -14.00 40.05 2.99
N PHE B 188 -15.01 39.23 3.35
CA PHE B 188 -14.81 38.20 4.37
C PHE B 188 -14.83 36.80 3.75
N SER B 189 -14.00 35.92 4.31
CA SER B 189 -14.01 34.49 3.96
C SER B 189 -13.85 33.65 5.25
N CYS B 190 -14.02 32.34 5.12
CA CYS B 190 -13.87 31.44 6.27
C CYS B 190 -13.06 30.20 5.87
N SER B 191 -12.11 29.80 6.73
CA SER B 191 -11.16 28.74 6.36
C SER B 191 -11.07 27.61 7.40
N PHE B 192 -11.48 26.41 6.98
CA PHE B 192 -11.38 25.22 7.83
C PHE B 192 -9.98 24.63 7.73
N SER B 193 -9.36 24.35 8.88
CA SER B 193 -8.07 23.65 8.91
C SER B 193 -8.10 22.48 9.90
N PRO B 194 -7.47 21.36 9.50
CA PRO B 194 -7.36 20.12 10.29
C PRO B 194 -6.09 20.12 11.16
N GLY B 195 -5.90 19.06 11.94
CA GLY B 195 -4.81 19.03 12.93
C GLY B 195 -3.38 19.05 12.38
N LEU B 196 -3.03 18.06 11.57
CA LEU B 196 -1.67 18.03 11.01
C LEU B 196 -1.67 18.47 9.54
N PRO B 197 -0.49 18.47 8.89
CA PRO B 197 -0.54 18.67 7.43
C PRO B 197 -1.08 17.37 6.82
N ARG B 198 -2.18 16.88 7.39
CA ARG B 198 -2.87 15.69 6.90
C ARG B 198 -3.60 16.08 5.63
N HIS B 199 -3.65 17.40 5.43
CA HIS B 199 -4.25 18.00 4.23
C HIS B 199 -4.23 19.52 4.27
N ARG B 200 -4.74 20.15 3.22
CA ARG B 200 -4.71 21.61 3.09
C ARG B 200 -5.92 22.30 3.72
N ALA B 201 -6.14 23.55 3.33
CA ALA B 201 -7.25 24.35 3.89
C ALA B 201 -8.39 24.55 2.88
N LEU B 202 -9.62 24.55 3.40
CA LEU B 202 -10.81 24.75 2.56
C LEU B 202 -11.41 26.13 2.85
N ARG B 203 -11.64 26.91 1.80
CA ARG B 203 -12.15 28.27 1.94
C ARG B 203 -13.58 28.39 1.41
N THR B 204 -14.37 29.20 2.09
CA THR B 204 -15.75 29.47 1.69
C THR B 204 -15.78 30.50 0.57
N ALA B 205 -16.75 30.34 -0.34
CA ALA B 205 -17.02 31.38 -1.32
C ALA B 205 -17.21 32.68 -0.53
N PRO B 206 -16.45 33.74 -0.88
CA PRO B 206 -16.46 34.96 -0.05
C PRO B 206 -17.81 35.66 -0.04
N ILE B 207 -17.89 36.73 0.75
CA ILE B 207 -19.05 37.60 0.74
C ILE B 207 -18.52 39.06 0.67
N GLN B 208 -19.10 39.86 -0.21
CA GLN B 208 -18.60 41.23 -0.39
C GLN B 208 -19.71 42.19 -0.02
N PRO B 209 -20.05 42.26 1.28
CA PRO B 209 -21.18 43.09 1.68
C PRO B 209 -20.86 44.55 1.40
N ARG B 210 -21.85 45.41 1.63
CA ARG B 210 -21.70 46.84 1.38
C ARG B 210 -21.65 47.51 2.75
N VAL B 211 -20.61 48.33 2.98
CA VAL B 211 -20.53 49.05 4.26
C VAL B 211 -21.11 50.45 4.14
N TRP B 212 -22.27 50.64 4.78
CA TRP B 212 -22.98 51.92 4.77
C TRP B 212 -22.59 52.69 6.04
N GLU B 213 -22.48 54.02 5.91
CA GLU B 213 -22.09 54.88 7.04
C GLU B 213 -23.31 55.32 7.87
N PRO B 214 -23.08 55.72 9.14
CA PRO B 214 -24.16 56.16 10.03
C PRO B 214 -24.77 57.53 9.63
N VAL B 215 -26.10 57.60 9.66
CA VAL B 215 -26.81 58.86 9.41
C VAL B 215 -26.44 59.89 10.50
N PRO B 216 -25.93 61.06 10.07
CA PRO B 216 -25.42 62.14 10.96
C PRO B 216 -26.46 62.65 11.97
N LEU B 217 -25.97 63.11 13.13
CA LEU B 217 -26.83 63.57 14.22
C LEU B 217 -26.63 65.08 14.52
#